data_3RVR
#
_entry.id   3RVR
#
_cell.length_a   53.510
_cell.length_b   53.630
_cell.length_c   161.840
_cell.angle_alpha   90.00
_cell.angle_beta   90.00
_cell.angle_gamma   90.00
#
_symmetry.space_group_name_H-M   'P 21 21 21'
#
loop_
_entity.id
_entity.type
_entity.pdbx_description
1 polymer 'Chemotaxis protein CheY'
2 non-polymer 'MANGANESE (II) ION'
3 non-polymer 'MOLYBDATE ION'
4 non-polymer 'SULFATE ION'
5 non-polymer GLYCEROL
6 water water
#
_entity_poly.entity_id   1
_entity_poly.type   'polypeptide(L)'
_entity_poly.pdbx_seq_one_letter_code
;GSHMADKELKFLVVDDFSTMRRIVRNLLKELGFNNVEEAEDGVDALNKLQAGGYGFVISDWDMPNMDGLELLKTIRADGA
MSALPVLMVTARAKKENIIAAAQAGASGYVVKPFTAATLEEKLNKIFEKLGM
;
_entity_poly.pdbx_strand_id   A,B
#
loop_
_chem_comp.id
_chem_comp.type
_chem_comp.name
_chem_comp.formula
GOL non-polymer GLYCEROL 'C3 H8 O3'
MN non-polymer 'MANGANESE (II) ION' 'Mn 2'
MOO non-polymer 'MOLYBDATE ION' 'Mo O4 -2'
SO4 non-polymer 'SULFATE ION' 'O4 S -2'
#
# COMPACT_ATOMS: atom_id res chain seq x y z
N HIS A 3 -16.11 8.27 -11.27
CA HIS A 3 -16.67 9.56 -11.65
C HIS A 3 -15.61 10.67 -11.69
N MET A 4 -16.07 11.91 -11.58
CA MET A 4 -15.22 13.10 -11.69
C MET A 4 -15.40 13.94 -10.43
N ALA A 5 -14.37 14.70 -10.07
CA ALA A 5 -14.45 15.55 -8.87
C ALA A 5 -15.23 16.82 -9.15
N ASP A 6 -16.50 16.64 -9.53
CA ASP A 6 -17.41 17.77 -9.68
C ASP A 6 -18.44 17.69 -8.57
N LYS A 7 -19.32 18.68 -8.52
CA LYS A 7 -20.28 18.83 -7.44
C LYS A 7 -21.15 17.59 -7.22
N GLU A 8 -21.23 16.75 -8.25
CA GLU A 8 -22.14 15.59 -8.23
C GLU A 8 -21.51 14.34 -7.58
N LEU A 9 -20.19 14.30 -7.50
CA LEU A 9 -19.48 13.16 -6.92
C LEU A 9 -20.13 12.74 -5.60
N LYS A 10 -20.53 11.47 -5.51
CA LYS A 10 -21.22 10.99 -4.32
C LYS A 10 -20.25 10.28 -3.36
N PHE A 11 -20.23 10.75 -2.12
CA PHE A 11 -19.33 10.28 -1.09
C PHE A 11 -20.05 9.38 -0.12
N LEU A 12 -19.32 8.41 0.39
CA LEU A 12 -19.78 7.63 1.52
C LEU A 12 -18.81 7.83 2.66
N VAL A 13 -19.34 8.24 3.80
CA VAL A 13 -18.53 8.59 4.96
C VAL A 13 -18.81 7.56 6.03
N VAL A 14 -17.78 6.82 6.43
CA VAL A 14 -17.97 5.66 7.26
C VAL A 14 -17.20 5.78 8.56
N ASP A 15 -17.91 5.73 9.67
CA ASP A 15 -17.27 5.81 10.98
C ASP A 15 -18.31 5.36 11.99
N ASP A 16 -17.90 4.67 13.05
CA ASP A 16 -18.85 4.23 14.08
C ASP A 16 -19.26 5.33 15.06
N PHE A 17 -18.61 6.50 14.97
CA PHE A 17 -18.99 7.66 15.80
C PHE A 17 -19.56 8.85 15.02
N SER A 18 -20.76 9.27 15.39
CA SER A 18 -21.48 10.33 14.68
C SER A 18 -20.63 11.61 14.53
N THR A 19 -19.98 11.98 15.63
CA THR A 19 -19.18 13.20 15.64
C THR A 19 -18.16 13.19 14.49
N MET A 20 -17.49 12.06 14.33
CA MET A 20 -16.46 11.93 13.30
C MET A 20 -17.05 12.05 11.90
N ARG A 21 -18.20 11.41 11.67
CA ARG A 21 -18.88 11.53 10.37
C ARG A 21 -19.30 12.96 10.10
N ARG A 22 -19.77 13.63 11.15
CA ARG A 22 -20.25 15.00 11.04
C ARG A 22 -19.13 15.96 10.64
N ILE A 23 -17.97 15.77 11.24
CA ILE A 23 -16.77 16.51 10.82
C ILE A 23 -16.52 16.39 9.31
N VAL A 24 -16.47 15.16 8.82
CA VAL A 24 -16.16 14.90 7.41
C VAL A 24 -17.25 15.47 6.51
N ARG A 25 -18.51 15.20 6.84
CA ARG A 25 -19.61 15.74 6.03
C ARG A 25 -19.56 17.27 5.90
N ASN A 26 -19.29 17.94 7.01
CA ASN A 26 -19.24 19.40 6.98
C ASN A 26 -18.07 19.94 6.18
N LEU A 27 -16.92 19.26 6.29
CA LEU A 27 -15.75 19.61 5.50
C LEU A 27 -16.04 19.45 4.01
N LEU A 28 -16.73 18.37 3.65
CA LEU A 28 -17.07 18.11 2.25
C LEU A 28 -18.02 19.18 1.72
N LYS A 29 -19.01 19.55 2.55
CA LYS A 29 -19.92 20.64 2.19
C LYS A 29 -19.16 21.92 1.85
N GLU A 30 -18.26 22.31 2.75
CA GLU A 30 -17.41 23.49 2.55
C GLU A 30 -16.68 23.41 1.20
N LEU A 31 -16.25 22.21 0.80
CA LEU A 31 -15.47 22.02 -0.42
C LEU A 31 -16.39 21.97 -1.62
N GLY A 32 -17.70 22.02 -1.37
CA GLY A 32 -18.66 22.04 -2.45
C GLY A 32 -19.26 20.68 -2.78
N PHE A 33 -19.08 19.68 -1.91
CA PHE A 33 -19.67 18.36 -2.17
C PHE A 33 -20.84 18.10 -1.24
N ASN A 34 -22.06 18.17 -1.78
CA ASN A 34 -23.26 17.99 -0.96
C ASN A 34 -23.95 16.66 -1.15
N ASN A 35 -23.46 15.86 -2.10
CA ASN A 35 -23.99 14.54 -2.34
C ASN A 35 -23.24 13.55 -1.44
N VAL A 36 -23.69 13.42 -0.20
CA VAL A 36 -22.93 12.71 0.81
C VAL A 36 -23.84 11.83 1.68
N GLU A 37 -23.48 10.55 1.81
CA GLU A 37 -24.20 9.62 2.68
C GLU A 37 -23.27 9.06 3.75
N GLU A 38 -23.84 8.52 4.82
CA GLU A 38 -23.08 8.01 5.95
C GLU A 38 -23.40 6.55 6.25
N ALA A 39 -22.40 5.85 6.79
CA ALA A 39 -22.59 4.49 7.29
C ALA A 39 -21.86 4.38 8.61
N GLU A 40 -22.31 3.47 9.45
CA GLU A 40 -21.79 3.35 10.81
C GLU A 40 -20.80 2.19 10.98
N ASP A 41 -20.67 1.35 9.96
CA ASP A 41 -19.70 0.26 9.97
C ASP A 41 -19.53 -0.31 8.57
N GLY A 42 -18.62 -1.27 8.40
CA GLY A 42 -18.31 -1.80 7.09
C GLY A 42 -19.47 -2.48 6.37
N VAL A 43 -20.33 -3.16 7.12
CA VAL A 43 -21.47 -3.87 6.52
C VAL A 43 -22.49 -2.86 5.97
N ASP A 44 -22.88 -1.94 6.84
CA ASP A 44 -23.70 -0.80 6.47
C ASP A 44 -23.13 -0.15 5.20
N ALA A 45 -21.81 0.07 5.17
CA ALA A 45 -21.16 0.71 4.02
C ALA A 45 -21.33 -0.11 2.74
N LEU A 46 -21.06 -1.41 2.83
CA LEU A 46 -21.16 -2.27 1.64
C LEU A 46 -22.60 -2.32 1.13
N ASN A 47 -23.55 -2.37 2.07
CA ASN A 47 -24.96 -2.34 1.70
C ASN A 47 -25.24 -1.12 0.82
N LYS A 48 -24.77 0.06 1.23
CA LYS A 48 -25.02 1.26 0.42
C LYS A 48 -24.21 1.26 -0.86
N LEU A 49 -22.95 0.84 -0.78
CA LEU A 49 -22.12 0.79 -1.98
C LEU A 49 -22.70 -0.08 -3.08
N GLN A 50 -23.15 -1.28 -2.70
CA GLN A 50 -23.74 -2.22 -3.67
C GLN A 50 -25.05 -1.71 -4.29
N ALA A 51 -25.73 -0.81 -3.59
CA ALA A 51 -26.87 -0.09 -4.14
C ALA A 51 -26.49 0.72 -5.38
N GLY A 52 -25.22 1.12 -5.47
CA GLY A 52 -24.74 1.80 -6.66
C GLY A 52 -24.68 3.31 -6.55
N GLY A 53 -23.91 3.93 -7.45
CA GLY A 53 -23.83 5.37 -7.57
C GLY A 53 -22.69 6.09 -6.86
N TYR A 54 -21.96 5.41 -5.98
CA TYR A 54 -20.93 6.09 -5.20
C TYR A 54 -19.64 6.30 -5.99
N GLY A 55 -18.98 7.42 -5.76
CA GLY A 55 -17.71 7.68 -6.40
C GLY A 55 -16.52 7.85 -5.48
N PHE A 56 -16.74 7.80 -4.17
CA PHE A 56 -15.67 8.05 -3.21
C PHE A 56 -16.03 7.54 -1.83
N VAL A 57 -15.11 6.85 -1.18
CA VAL A 57 -15.33 6.41 0.18
C VAL A 57 -14.30 7.02 1.13
N ILE A 58 -14.80 7.52 2.27
CA ILE A 58 -13.91 7.99 3.32
C ILE A 58 -14.25 7.16 4.54
N SER A 59 -13.24 6.48 5.10
CA SER A 59 -13.55 5.47 6.11
C SER A 59 -12.59 5.40 7.31
N ASP A 60 -13.21 5.23 8.46
CA ASP A 60 -12.56 4.95 9.72
C ASP A 60 -11.95 3.56 9.66
N TRP A 61 -11.17 3.21 10.67
CA TRP A 61 -10.65 1.86 10.74
C TRP A 61 -11.37 1.05 11.83
N ASP A 62 -11.22 1.42 13.10
CA ASP A 62 -11.78 0.63 14.20
CA ASP A 62 -11.79 0.63 14.20
C ASP A 62 -13.30 0.78 14.28
N MET A 63 -14.02 -0.24 13.85
CA MET A 63 -15.49 -0.21 13.83
C MET A 63 -15.98 -1.61 14.08
N PRO A 64 -17.12 -1.73 14.79
CA PRO A 64 -17.70 -3.07 15.01
C PRO A 64 -18.31 -3.62 13.72
N ASN A 65 -18.64 -4.91 13.74
CA ASN A 65 -19.29 -5.61 12.63
C ASN A 65 -18.38 -5.87 11.41
N MET A 66 -17.78 -4.81 10.85
CA MET A 66 -16.70 -4.95 9.86
C MET A 66 -15.85 -3.71 9.94
N ASP A 67 -14.58 -3.86 10.31
CA ASP A 67 -13.68 -2.72 10.42
C ASP A 67 -13.29 -2.17 9.05
N GLY A 68 -12.61 -1.02 9.04
CA GLY A 68 -12.33 -0.33 7.78
C GLY A 68 -11.25 -0.99 6.93
N LEU A 69 -10.36 -1.76 7.54
CA LEU A 69 -9.35 -2.46 6.77
C LEU A 69 -10.02 -3.62 5.99
N GLU A 70 -10.92 -4.35 6.65
CA GLU A 70 -11.74 -5.35 5.95
C GLU A 70 -12.62 -4.71 4.89
N LEU A 71 -13.21 -3.57 5.21
CA LEU A 71 -13.99 -2.83 4.23
C LEU A 71 -13.14 -2.52 3.00
N LEU A 72 -11.96 -1.96 3.22
CA LEU A 72 -11.08 -1.61 2.11
C LEU A 72 -10.70 -2.84 1.27
N LYS A 73 -10.35 -3.92 1.95
CA LYS A 73 -9.99 -5.16 1.25
C LYS A 73 -11.14 -5.74 0.42
N THR A 74 -12.34 -5.71 0.98
CA THR A 74 -13.54 -6.19 0.31
C THR A 74 -13.79 -5.39 -0.97
N ILE A 75 -13.78 -4.06 -0.85
CA ILE A 75 -13.96 -3.18 -1.99
C ILE A 75 -12.91 -3.49 -3.10
N ARG A 76 -11.64 -3.60 -2.72
CA ARG A 76 -10.56 -3.79 -3.68
C ARG A 76 -10.64 -5.13 -4.40
N ALA A 77 -11.27 -6.12 -3.77
CA ALA A 77 -11.34 -7.48 -4.31
C ALA A 77 -12.62 -7.69 -5.14
N ASP A 78 -13.57 -6.78 -5.00
CA ASP A 78 -14.85 -6.85 -5.69
C ASP A 78 -14.77 -6.33 -7.13
N GLY A 79 -15.17 -7.17 -8.09
CA GLY A 79 -15.08 -6.77 -9.48
C GLY A 79 -15.80 -5.49 -9.85
N ALA A 80 -16.98 -5.30 -9.30
CA ALA A 80 -17.76 -4.09 -9.57
C ALA A 80 -17.24 -2.79 -8.94
N MET A 81 -16.39 -2.87 -7.93
CA MET A 81 -15.97 -1.63 -7.27
C MET A 81 -14.48 -1.54 -6.92
N SER A 82 -13.68 -2.42 -7.54
CA SER A 82 -12.27 -2.58 -7.20
C SER A 82 -11.45 -1.29 -7.31
N ALA A 83 -11.92 -0.33 -8.12
CA ALA A 83 -11.16 0.91 -8.34
C ALA A 83 -11.65 2.10 -7.50
N LEU A 84 -12.74 1.91 -6.76
CA LEU A 84 -13.33 2.98 -5.95
C LEU A 84 -12.27 3.69 -5.09
N PRO A 85 -12.21 5.03 -5.13
CA PRO A 85 -11.30 5.68 -4.18
C PRO A 85 -11.71 5.43 -2.74
N VAL A 86 -10.74 5.09 -1.89
CA VAL A 86 -10.98 4.89 -0.46
C VAL A 86 -9.91 5.65 0.33
N LEU A 87 -10.34 6.70 1.04
CA LEU A 87 -9.45 7.46 1.91
C LEU A 87 -9.62 6.99 3.37
N MET A 88 -8.57 6.42 3.97
CA MET A 88 -8.63 6.04 5.38
C MET A 88 -8.45 7.26 6.28
N VAL A 89 -9.28 7.38 7.30
CA VAL A 89 -9.20 8.47 8.27
C VAL A 89 -9.34 7.90 9.67
N THR A 90 -8.24 7.80 10.40
CA THR A 90 -8.21 6.98 11.57
C THR A 90 -7.21 7.54 12.56
N ALA A 91 -7.42 7.26 13.84
CA ALA A 91 -6.43 7.62 14.86
C ALA A 91 -5.24 6.67 14.85
N ARG A 92 -5.35 5.53 14.16
CA ARG A 92 -4.23 4.59 14.10
C ARG A 92 -3.03 5.15 13.32
N ALA A 93 -1.92 5.35 14.03
CA ALA A 93 -0.75 6.03 13.50
C ALA A 93 0.52 5.17 13.46
N LYS A 94 0.43 3.90 13.87
CA LYS A 94 1.63 3.06 13.84
C LYS A 94 2.00 2.81 12.39
N LYS A 95 3.31 2.72 12.13
CA LYS A 95 3.79 2.48 10.77
C LYS A 95 3.23 1.19 10.20
N GLU A 96 3.02 0.19 11.06
CA GLU A 96 2.50 -1.06 10.57
C GLU A 96 1.00 -1.00 10.20
N ASN A 97 0.26 -0.08 10.83
CA ASN A 97 -1.13 0.16 10.44
C ASN A 97 -1.14 0.82 9.05
N ILE A 98 -0.33 1.86 8.88
CA ILE A 98 -0.22 2.55 7.59
C ILE A 98 0.19 1.61 6.46
N ILE A 99 1.20 0.78 6.70
CA ILE A 99 1.61 -0.25 5.74
C ILE A 99 0.46 -1.20 5.39
N ALA A 100 -0.19 -1.75 6.41
CA ALA A 100 -1.29 -2.66 6.14
C ALA A 100 -2.36 -2.02 5.25
N ALA A 101 -2.71 -0.77 5.51
CA ALA A 101 -3.76 -0.09 4.72
C ALA A 101 -3.25 0.25 3.32
N ALA A 102 -2.02 0.75 3.26
CA ALA A 102 -1.41 1.07 1.98
C ALA A 102 -1.35 -0.17 1.10
N GLN A 103 -0.82 -1.27 1.64
CA GLN A 103 -0.69 -2.49 0.85
C GLN A 103 -2.05 -3.06 0.45
N ALA A 104 -3.07 -2.85 1.30
CA ALA A 104 -4.43 -3.31 1.02
C ALA A 104 -5.06 -2.46 -0.08
N GLY A 105 -4.42 -1.33 -0.42
CA GLY A 105 -4.89 -0.50 -1.52
C GLY A 105 -5.55 0.83 -1.20
N ALA A 106 -5.32 1.35 0.00
CA ALA A 106 -5.82 2.68 0.36
C ALA A 106 -5.38 3.72 -0.65
N SER A 107 -6.31 4.59 -1.03
CA SER A 107 -5.99 5.70 -1.94
C SER A 107 -5.22 6.78 -1.20
N GLY A 108 -5.36 6.80 0.12
CA GLY A 108 -4.76 7.83 0.97
C GLY A 108 -5.00 7.48 2.41
N TYR A 109 -4.36 8.22 3.33
CA TYR A 109 -4.41 7.89 4.76
C TYR A 109 -4.17 9.19 5.54
N VAL A 110 -5.19 9.59 6.29
CA VAL A 110 -5.15 10.80 7.14
C VAL A 110 -5.28 10.37 8.61
N VAL A 111 -4.43 10.90 9.48
CA VAL A 111 -4.45 10.53 10.89
C VAL A 111 -5.29 11.53 11.71
N LYS A 112 -6.20 11.01 12.53
CA LYS A 112 -6.99 11.85 13.44
C LYS A 112 -6.15 12.22 14.66
N PRO A 113 -6.31 13.45 15.17
CA PRO A 113 -7.18 14.48 14.61
C PRO A 113 -6.56 15.20 13.41
N PHE A 114 -7.39 15.73 12.53
CA PHE A 114 -6.90 16.34 11.30
C PHE A 114 -7.59 17.66 11.06
N THR A 115 -6.89 18.54 10.37
CA THR A 115 -7.41 19.86 10.03
C THR A 115 -8.15 19.83 8.71
N ALA A 116 -8.94 20.87 8.47
CA ALA A 116 -9.64 21.06 7.22
C ALA A 116 -8.65 21.10 6.07
N ALA A 117 -7.54 21.81 6.26
CA ALA A 117 -6.50 21.90 5.23
C ALA A 117 -5.94 20.52 4.86
N THR A 118 -5.65 19.70 5.87
CA THR A 118 -5.13 18.37 5.61
C THR A 118 -6.08 17.50 4.79
N LEU A 119 -7.38 17.55 5.11
CA LEU A 119 -8.34 16.73 4.39
C LEU A 119 -8.41 17.21 2.95
N GLU A 120 -8.51 18.51 2.78
CA GLU A 120 -8.58 19.09 1.45
C GLU A 120 -7.37 18.67 0.60
N GLU A 121 -6.17 18.77 1.17
CA GLU A 121 -5.01 18.48 0.33
C GLU A 121 -4.89 17.00 0.01
N LYS A 122 -5.27 16.13 0.94
CA LYS A 122 -5.23 14.68 0.67
C LYS A 122 -6.31 14.20 -0.29
N LEU A 123 -7.48 14.85 -0.25
CA LEU A 123 -8.51 14.54 -1.24
C LEU A 123 -8.02 15.00 -2.61
N ASN A 124 -7.47 16.21 -2.66
CA ASN A 124 -6.99 16.76 -3.92
C ASN A 124 -5.86 15.91 -4.49
N LYS A 125 -5.03 15.34 -3.62
CA LYS A 125 -3.93 14.48 -4.05
C LYS A 125 -4.51 13.23 -4.73
N ILE A 126 -5.59 12.71 -4.16
CA ILE A 126 -6.23 11.55 -4.77
C ILE A 126 -6.92 11.90 -6.09
N PHE A 127 -7.61 13.04 -6.14
CA PHE A 127 -8.28 13.46 -7.37
C PHE A 127 -7.26 13.57 -8.50
N GLU A 128 -6.13 14.21 -8.21
CA GLU A 128 -5.07 14.39 -9.19
C GLU A 128 -4.47 13.04 -9.63
N LYS A 129 -4.25 12.15 -8.67
CA LYS A 129 -3.67 10.85 -8.99
C LYS A 129 -4.59 10.06 -9.93
N LEU A 130 -5.90 10.27 -9.78
CA LEU A 130 -6.85 9.44 -10.53
C LEU A 130 -7.43 10.17 -11.74
N GLY A 131 -7.01 11.41 -11.97
CA GLY A 131 -7.54 12.18 -13.07
C GLY A 131 -9.01 12.55 -12.95
N MET A 132 -9.47 12.79 -11.73
CA MET A 132 -10.85 13.20 -11.49
C MET A 132 -11.01 14.72 -11.48
N SER B 2 7.92 -16.41 -13.10
CA SER B 2 7.01 -17.37 -12.48
C SER B 2 7.77 -18.44 -11.70
N HIS B 3 7.61 -18.43 -10.38
CA HIS B 3 8.30 -19.38 -9.51
C HIS B 3 7.54 -19.75 -8.24
N MET B 4 8.05 -20.72 -7.49
CA MET B 4 7.43 -21.15 -6.25
C MET B 4 8.41 -20.93 -5.09
N ALA B 5 7.87 -20.78 -3.87
CA ALA B 5 8.72 -20.59 -2.69
C ALA B 5 9.34 -21.90 -2.19
N ASP B 6 10.14 -22.51 -3.07
CA ASP B 6 10.91 -23.70 -2.75
C ASP B 6 12.38 -23.32 -2.61
N LYS B 7 13.18 -24.24 -2.08
CA LYS B 7 14.59 -23.99 -1.83
C LYS B 7 15.32 -23.32 -3.00
N GLU B 8 14.76 -23.44 -4.20
CA GLU B 8 15.46 -23.00 -5.42
C GLU B 8 15.15 -21.57 -5.83
N LEU B 9 14.10 -21.00 -5.25
CA LEU B 9 13.70 -19.63 -5.52
C LEU B 9 14.91 -18.71 -5.49
N LYS B 10 15.12 -17.96 -6.56
CA LYS B 10 16.31 -17.13 -6.66
C LYS B 10 15.99 -15.68 -6.30
N PHE B 11 16.65 -15.19 -5.25
CA PHE B 11 16.41 -13.85 -4.71
C PHE B 11 17.45 -12.88 -5.21
N LEU B 12 17.03 -11.64 -5.39
CA LEU B 12 17.97 -10.54 -5.57
C LEU B 12 17.79 -9.54 -4.45
N VAL B 13 18.89 -9.30 -3.74
CA VAL B 13 18.93 -8.41 -2.59
C VAL B 13 19.62 -7.12 -2.95
N VAL B 14 18.89 -6.02 -2.87
CA VAL B 14 19.39 -4.74 -3.36
C VAL B 14 19.50 -3.71 -2.26
N ASP B 15 20.70 -3.17 -2.04
CA ASP B 15 20.92 -2.12 -1.05
C ASP B 15 22.27 -1.50 -1.31
N ASP B 16 22.43 -0.19 -1.15
CA ASP B 16 23.75 0.41 -1.36
C ASP B 16 24.73 0.15 -0.20
N PHE B 17 24.24 -0.41 0.91
CA PHE B 17 25.14 -0.73 2.03
C PHE B 17 25.29 -2.23 2.24
N SER B 18 26.53 -2.71 2.22
CA SER B 18 26.81 -4.14 2.29
C SER B 18 26.28 -4.75 3.60
N THR B 19 26.37 -4.01 4.69
CA THR B 19 25.85 -4.49 5.99
C THR B 19 24.37 -4.87 5.86
N MET B 20 23.60 -3.98 5.22
CA MET B 20 22.17 -4.22 5.01
C MET B 20 21.92 -5.47 4.18
N ARG B 21 22.71 -5.65 3.11
CA ARG B 21 22.51 -6.80 2.22
C ARG B 21 22.86 -8.08 2.97
N ARG B 22 23.92 -8.01 3.77
CA ARG B 22 24.40 -9.15 4.54
C ARG B 22 23.33 -9.64 5.53
N ILE B 23 22.70 -8.72 6.24
CA ILE B 23 21.58 -9.07 7.10
C ILE B 23 20.50 -9.86 6.33
N VAL B 24 20.05 -9.32 5.19
CA VAL B 24 18.98 -10.00 4.48
C VAL B 24 19.44 -11.36 3.94
N ARG B 25 20.66 -11.44 3.41
CA ARG B 25 21.17 -12.72 2.90
C ARG B 25 21.24 -13.79 4.01
N ASN B 26 21.73 -13.41 5.19
CA ASN B 26 21.78 -14.38 6.29
C ASN B 26 20.38 -14.87 6.72
N LEU B 27 19.42 -13.95 6.84
CA LEU B 27 18.07 -14.34 7.20
C LEU B 27 17.49 -15.29 6.16
N LEU B 28 17.70 -15.00 4.87
CA LEU B 28 17.22 -15.86 3.80
C LEU B 28 17.81 -17.27 3.94
N LYS B 29 19.10 -17.33 4.27
CA LYS B 29 19.76 -18.61 4.44
C LYS B 29 19.13 -19.38 5.59
N GLU B 30 18.86 -18.69 6.70
CA GLU B 30 18.23 -19.32 7.84
C GLU B 30 16.89 -19.91 7.42
N LEU B 31 16.18 -19.20 6.53
CA LEU B 31 14.86 -19.66 6.09
C LEU B 31 14.92 -20.75 5.04
N GLY B 32 16.13 -21.12 4.63
CA GLY B 32 16.31 -22.22 3.70
C GLY B 32 16.51 -21.77 2.25
N PHE B 33 16.78 -20.50 2.03
CA PHE B 33 17.04 -20.01 0.67
C PHE B 33 18.51 -19.61 0.48
N ASN B 34 19.23 -20.39 -0.31
CA ASN B 34 20.65 -20.11 -0.58
C ASN B 34 20.93 -19.58 -1.98
N ASN B 35 19.92 -19.60 -2.84
CA ASN B 35 20.06 -19.10 -4.20
C ASN B 35 19.80 -17.59 -4.21
N VAL B 36 20.82 -16.83 -3.82
CA VAL B 36 20.66 -15.40 -3.54
C VAL B 36 21.82 -14.58 -4.12
N GLU B 37 21.50 -13.52 -4.87
CA GLU B 37 22.54 -12.62 -5.37
C GLU B 37 22.30 -11.21 -4.84
N GLU B 38 23.29 -10.34 -5.02
CA GLU B 38 23.23 -8.98 -4.49
C GLU B 38 23.45 -7.93 -5.57
N ALA B 39 22.89 -6.75 -5.34
CA ALA B 39 23.13 -5.60 -6.20
C ALA B 39 23.21 -4.35 -5.33
N GLU B 40 23.96 -3.35 -5.77
CA GLU B 40 24.26 -2.19 -4.93
C GLU B 40 23.45 -0.98 -5.34
N ASP B 41 22.70 -1.11 -6.42
CA ASP B 41 21.78 -0.06 -6.85
C ASP B 41 20.80 -0.56 -7.91
N GLY B 42 19.84 0.28 -8.27
CA GLY B 42 18.81 -0.12 -9.20
C GLY B 42 19.30 -0.52 -10.59
N VAL B 43 20.36 0.11 -11.07
CA VAL B 43 20.91 -0.24 -12.39
C VAL B 43 21.57 -1.62 -12.33
N ASP B 44 22.46 -1.78 -11.34
CA ASP B 44 23.06 -3.08 -11.03
C ASP B 44 21.94 -4.11 -10.99
N ALA B 45 20.90 -3.83 -10.21
CA ALA B 45 19.76 -4.75 -10.07
C ALA B 45 19.13 -5.11 -11.40
N LEU B 46 18.83 -4.10 -12.18
CA LEU B 46 18.17 -4.35 -13.46
C LEU B 46 19.07 -5.16 -14.40
N ASN B 47 20.39 -4.93 -14.34
CA ASN B 47 21.30 -5.74 -15.15
C ASN B 47 21.19 -7.22 -14.81
N LYS B 48 21.15 -7.55 -13.52
CA LYS B 48 21.02 -8.95 -13.13
C LYS B 48 19.65 -9.51 -13.49
N LEU B 49 18.60 -8.74 -13.24
CA LEU B 49 17.24 -9.21 -13.51
C LEU B 49 17.02 -9.55 -14.98
N GLN B 50 17.54 -8.73 -15.89
CA GLN B 50 17.31 -8.97 -17.33
C GLN B 50 18.15 -10.16 -17.83
N ALA B 51 19.17 -10.52 -17.06
CA ALA B 51 19.90 -11.76 -17.27
C ALA B 51 19.02 -13.00 -17.03
N GLY B 52 17.91 -12.82 -16.31
CA GLY B 52 16.92 -13.89 -16.18
C GLY B 52 17.17 -14.80 -14.99
N GLY B 53 16.13 -15.52 -14.57
CA GLY B 53 16.23 -16.52 -13.51
C GLY B 53 15.65 -16.15 -12.15
N TYR B 54 15.50 -14.86 -11.90
CA TYR B 54 15.07 -14.37 -10.59
C TYR B 54 13.58 -14.54 -10.30
N GLY B 55 13.25 -14.87 -9.05
CA GLY B 55 11.86 -15.01 -8.66
C GLY B 55 11.41 -14.10 -7.52
N PHE B 56 12.29 -13.26 -7.01
CA PHE B 56 11.93 -12.40 -5.87
C PHE B 56 12.98 -11.31 -5.70
N VAL B 57 12.52 -10.08 -5.52
CA VAL B 57 13.43 -8.97 -5.25
C VAL B 57 13.18 -8.40 -3.87
N ILE B 58 14.25 -8.13 -3.14
CA ILE B 58 14.16 -7.44 -1.87
C ILE B 58 15.01 -6.19 -1.97
N SER B 59 14.40 -5.04 -1.82
CA SER B 59 15.09 -3.80 -2.16
C SER B 59 14.98 -2.65 -1.17
N ASP B 60 16.11 -1.97 -1.00
CA ASP B 60 16.23 -0.68 -0.32
C ASP B 60 15.57 0.40 -1.18
N TRP B 61 15.43 1.59 -0.63
CA TRP B 61 14.91 2.72 -1.38
C TRP B 61 16.02 3.71 -1.74
N ASP B 62 16.59 4.38 -0.75
CA ASP B 62 17.57 5.42 -1.01
CA ASP B 62 17.58 5.42 -1.01
C ASP B 62 18.90 4.81 -1.47
N MET B 63 19.16 4.88 -2.78
CA MET B 63 20.42 4.39 -3.36
C MET B 63 20.81 5.32 -4.50
N PRO B 64 22.12 5.50 -4.75
CA PRO B 64 22.56 6.30 -5.90
C PRO B 64 22.31 5.58 -7.23
N ASN B 65 22.45 6.31 -8.33
CA ASN B 65 22.31 5.77 -9.69
C ASN B 65 20.89 5.42 -10.10
N MET B 66 20.21 4.58 -9.33
CA MET B 66 18.75 4.43 -9.47
C MET B 66 18.19 3.98 -8.13
N ASP B 67 17.28 4.76 -7.53
CA ASP B 67 16.69 4.37 -6.24
C ASP B 67 15.66 3.26 -6.34
N GLY B 68 15.26 2.73 -5.18
CA GLY B 68 14.41 1.56 -5.14
C GLY B 68 12.99 1.80 -5.65
N LEU B 69 12.52 3.03 -5.55
CA LEU B 69 11.17 3.32 -6.05
C LEU B 69 11.18 3.31 -7.59
N GLU B 70 12.20 3.93 -8.18
CA GLU B 70 12.40 3.88 -9.64
C GLU B 70 12.57 2.44 -10.07
N LEU B 71 13.35 1.67 -9.30
CA LEU B 71 13.55 0.25 -9.61
C LEU B 71 12.21 -0.50 -9.65
N LEU B 72 11.43 -0.32 -8.60
CA LEU B 72 10.13 -0.97 -8.51
C LEU B 72 9.23 -0.57 -9.72
N LYS B 73 9.12 0.72 -9.98
CA LYS B 73 8.30 1.22 -11.07
C LYS B 73 8.78 0.64 -12.42
N THR B 74 10.10 0.61 -12.60
CA THR B 74 10.67 0.10 -13.83
C THR B 74 10.30 -1.37 -14.04
N ILE B 75 10.42 -2.15 -12.97
CA ILE B 75 10.05 -3.56 -13.00
C ILE B 75 8.57 -3.75 -13.33
N ARG B 76 7.71 -2.92 -12.74
CA ARG B 76 6.26 -3.14 -12.88
C ARG B 76 5.82 -2.77 -14.29
N ALA B 77 6.51 -1.83 -14.90
CA ALA B 77 6.18 -1.35 -16.23
C ALA B 77 6.75 -2.26 -17.32
N ASP B 78 7.68 -3.13 -16.93
CA ASP B 78 8.41 -3.96 -17.91
C ASP B 78 7.67 -5.25 -18.24
N GLY B 79 7.40 -5.46 -19.54
CA GLY B 79 6.61 -6.59 -19.99
C GLY B 79 7.16 -7.94 -19.56
N ALA B 80 8.48 -8.08 -19.47
CA ALA B 80 9.05 -9.36 -19.07
C ALA B 80 9.07 -9.61 -17.56
N MET B 81 9.08 -8.53 -16.78
CA MET B 81 9.34 -8.60 -15.34
C MET B 81 8.14 -8.20 -14.48
N SER B 82 7.06 -7.75 -15.11
CA SER B 82 6.03 -6.96 -14.42
C SER B 82 5.40 -7.56 -13.17
N ALA B 83 5.44 -8.87 -13.00
CA ALA B 83 4.76 -9.53 -11.88
C ALA B 83 5.74 -10.03 -10.81
N LEU B 84 7.02 -9.74 -11.01
CA LEU B 84 8.06 -10.14 -10.07
C LEU B 84 7.78 -9.55 -8.66
N PRO B 85 7.77 -10.40 -7.64
CA PRO B 85 7.58 -9.88 -6.28
C PRO B 85 8.68 -8.90 -5.90
N VAL B 86 8.31 -7.76 -5.33
CA VAL B 86 9.30 -6.80 -4.85
C VAL B 86 8.93 -6.37 -3.42
N LEU B 87 9.78 -6.72 -2.46
CA LEU B 87 9.60 -6.32 -1.07
C LEU B 87 10.50 -5.12 -0.77
N MET B 88 9.90 -3.99 -0.40
CA MET B 88 10.70 -2.81 -0.02
C MET B 88 11.20 -2.97 1.43
N VAL B 89 12.47 -2.65 1.67
CA VAL B 89 13.05 -2.74 3.01
C VAL B 89 13.92 -1.53 3.20
N THR B 90 13.41 -0.59 4.01
CA THR B 90 13.93 0.77 3.98
C THR B 90 13.68 1.43 5.33
N ALA B 91 14.52 2.41 5.68
CA ALA B 91 14.31 3.20 6.89
C ALA B 91 13.25 4.28 6.66
N ARG B 92 12.96 4.57 5.39
CA ARG B 92 11.91 5.55 5.08
C ARG B 92 10.58 5.08 5.61
N ALA B 93 9.98 5.88 6.49
CA ALA B 93 8.76 5.46 7.18
C ALA B 93 7.68 6.54 7.15
N LYS B 94 7.90 7.58 6.36
CA LYS B 94 6.86 8.60 6.16
C LYS B 94 5.63 7.99 5.49
N LYS B 95 4.47 8.35 6.03
CA LYS B 95 3.17 7.98 5.45
CA LYS B 95 3.19 7.94 5.45
C LYS B 95 3.16 8.10 3.93
N GLU B 96 3.58 9.26 3.44
CA GLU B 96 3.58 9.49 1.99
C GLU B 96 4.51 8.51 1.28
N ASN B 97 5.52 7.99 2.00
CA ASN B 97 6.45 7.10 1.33
C ASN B 97 5.96 5.70 1.20
N ILE B 98 5.31 5.25 2.28
CA ILE B 98 4.66 3.98 2.31
C ILE B 98 3.53 3.85 1.28
N ILE B 99 2.73 4.90 1.14
CA ILE B 99 1.63 4.88 0.17
C ILE B 99 2.22 4.89 -1.25
N ALA B 100 3.19 5.77 -1.49
CA ALA B 100 3.83 5.86 -2.81
C ALA B 100 4.34 4.48 -3.25
N ALA B 101 4.98 3.75 -2.33
CA ALA B 101 5.52 2.44 -2.66
C ALA B 101 4.43 1.40 -2.97
N ALA B 102 3.36 1.41 -2.17
CA ALA B 102 2.27 0.47 -2.42
C ALA B 102 1.66 0.77 -3.77
N GLN B 103 1.46 2.05 -4.05
CA GLN B 103 0.79 2.45 -5.28
C GLN B 103 1.65 2.18 -6.51
N ALA B 104 2.96 2.13 -6.31
CA ALA B 104 3.87 1.83 -7.42
C ALA B 104 3.96 0.35 -7.63
N GLY B 105 3.24 -0.41 -6.81
CA GLY B 105 3.20 -1.86 -6.93
C GLY B 105 4.03 -2.74 -5.99
N ALA B 106 4.57 -2.16 -4.92
CA ALA B 106 5.30 -2.97 -3.94
C ALA B 106 4.46 -4.16 -3.48
N SER B 107 5.11 -5.31 -3.31
CA SER B 107 4.47 -6.52 -2.83
C SER B 107 4.33 -6.50 -1.31
N GLY B 108 5.22 -5.76 -0.65
CA GLY B 108 5.28 -5.66 0.79
C GLY B 108 6.22 -4.53 1.18
N TYR B 109 6.21 -4.15 2.46
CA TYR B 109 7.01 -3.01 2.91
C TYR B 109 7.52 -3.35 4.30
N VAL B 110 8.83 -3.21 4.52
CA VAL B 110 9.43 -3.48 5.83
C VAL B 110 10.22 -2.25 6.25
N VAL B 111 10.04 -1.80 7.48
CA VAL B 111 10.80 -0.65 7.96
C VAL B 111 12.05 -1.09 8.75
N LYS B 112 13.19 -0.49 8.39
CA LYS B 112 14.44 -0.74 9.11
C LYS B 112 14.49 0.10 10.38
N PRO B 113 15.04 -0.46 11.47
CA PRO B 113 15.57 -1.83 11.53
C PRO B 113 14.46 -2.83 11.79
N PHE B 114 14.64 -4.06 11.32
CA PHE B 114 13.59 -5.08 11.43
C PHE B 114 14.21 -6.36 11.97
N THR B 115 13.37 -7.21 12.55
CA THR B 115 13.81 -8.48 13.13
C THR B 115 13.66 -9.62 12.15
N ALA B 116 14.30 -10.74 12.48
CA ALA B 116 14.18 -11.94 11.68
C ALA B 116 12.72 -12.35 11.58
N ALA B 117 11.99 -12.22 12.67
CA ALA B 117 10.59 -12.66 12.70
C ALA B 117 9.76 -11.83 11.71
N THR B 118 9.91 -10.52 11.77
CA THR B 118 9.23 -9.61 10.84
C THR B 118 9.52 -9.98 9.38
N LEU B 119 10.79 -10.11 9.01
CA LEU B 119 11.12 -10.43 7.62
C LEU B 119 10.41 -11.72 7.22
N GLU B 120 10.48 -12.71 8.10
CA GLU B 120 9.90 -14.02 7.80
C GLU B 120 8.38 -13.94 7.60
N GLU B 121 7.71 -13.09 8.37
CA GLU B 121 6.26 -12.99 8.25
C GLU B 121 5.91 -12.26 6.95
N LYS B 122 6.64 -11.18 6.67
CA LYS B 122 6.43 -10.39 5.46
C LYS B 122 6.62 -11.25 4.19
N LEU B 123 7.67 -12.06 4.17
CA LEU B 123 7.87 -12.98 3.06
C LEU B 123 6.70 -13.96 2.95
N ASN B 124 6.31 -14.57 4.06
CA ASN B 124 5.27 -15.59 4.03
C ASN B 124 3.92 -15.03 3.59
N LYS B 125 3.65 -13.79 4.00
CA LYS B 125 2.43 -13.12 3.60
C LYS B 125 2.41 -13.01 2.07
N ILE B 126 3.56 -12.65 1.48
CA ILE B 126 3.65 -12.48 0.04
C ILE B 126 3.53 -13.82 -0.70
N PHE B 127 4.29 -14.82 -0.26
CA PHE B 127 4.19 -16.19 -0.78
C PHE B 127 2.71 -16.60 -0.85
N GLU B 128 2.01 -16.43 0.27
CA GLU B 128 0.61 -16.82 0.36
C GLU B 128 -0.25 -16.09 -0.68
N LYS B 129 -0.21 -14.76 -0.63
CA LYS B 129 -0.99 -13.93 -1.56
C LYS B 129 -0.78 -14.29 -3.03
N LEU B 130 0.44 -14.75 -3.37
CA LEU B 130 0.80 -15.03 -4.75
C LEU B 130 0.79 -16.53 -5.04
N GLY B 131 0.27 -17.30 -4.09
CA GLY B 131 0.18 -18.74 -4.25
C GLY B 131 1.53 -19.40 -4.54
N MET B 132 2.59 -18.90 -3.91
CA MET B 132 3.92 -19.49 -4.08
C MET B 132 4.20 -20.58 -3.04
MN MN C . -13.91 4.04 15.13
MO MOO D . -10.25 4.69 14.73
O1 MOO D . -11.87 4.18 15.46
O2 MOO D . -10.13 6.49 14.64
O3 MOO D . -9.17 4.25 16.15
O4 MOO D . -9.48 3.74 13.58
S SO4 E . -10.74 7.50 16.50
O1 SO4 E . -10.05 8.67 17.04
O2 SO4 E . -10.09 7.06 15.28
O3 SO4 E . -10.69 6.43 17.49
O4 SO4 E . -12.13 7.87 16.20
S SO4 F . -22.48 2.72 -10.71
O1 SO4 F . -23.91 2.74 -11.05
O2 SO4 F . -22.33 2.23 -9.34
O3 SO4 F . -21.78 1.83 -11.64
O4 SO4 F . -21.91 4.06 -10.81
S SO4 G . -22.93 7.69 18.43
O1 SO4 G . -24.30 8.00 18.04
O2 SO4 G . -22.41 8.72 19.34
O3 SO4 G . -22.90 6.42 19.13
O4 SO4 G . -22.11 7.63 17.23
S SO4 H . -16.49 21.37 -6.68
O1 SO4 H . -17.92 21.04 -6.79
O2 SO4 H . -16.14 21.53 -5.26
O3 SO4 H . -15.65 20.31 -7.24
O4 SO4 H . -16.22 22.62 -7.39
C1 GOL I . -29.40 17.73 12.97
O1 GOL I . -30.61 18.44 12.77
C2 GOL I . -29.21 17.54 14.46
O2 GOL I . -30.42 17.79 15.13
C3 GOL I . -28.80 16.15 14.87
O3 GOL I . -28.19 16.33 16.14
C1 GOL J . -27.99 7.45 -7.65
O1 GOL J . -27.38 6.19 -7.57
C2 GOL J . -27.28 8.47 -6.76
O2 GOL J . -28.02 8.70 -5.58
C3 GOL J . -27.12 9.77 -7.53
O3 GOL J . -26.49 10.75 -6.74
C1 GOL K . 4.85 0.14 14.93
O1 GOL K . 4.74 0.17 13.52
C2 GOL K . 5.50 1.43 15.46
O2 GOL K . 4.91 1.79 16.69
C3 GOL K . 5.31 2.57 14.47
O3 GOL K . 5.58 3.76 15.17
MN MN L . 20.23 3.03 1.14
MO MOO M . 17.09 3.57 3.01
O1 MOO M . 16.87 2.36 4.14
O2 MOO M . 17.02 5.10 3.89
O3 MOO M . 18.78 3.90 2.32
O4 MOO M . 15.69 3.83 1.78
S SO4 N . 18.84 2.74 6.09
O1 SO4 N . 17.84 2.32 5.12
O2 SO4 N . 18.33 2.59 7.45
O3 SO4 N . 20.01 1.88 5.95
O4 SO4 N . 19.18 4.14 5.87
S SO4 O . 29.75 -0.21 1.82
O1 SO4 O . 28.48 -0.90 1.60
O2 SO4 O . 29.86 0.18 3.23
O3 SO4 O . 30.84 -1.13 1.45
O4 SO4 O . 29.82 0.98 0.99
S SO4 P . 11.75 12.22 -2.03
O1 SO4 P . 10.42 11.61 -1.90
O2 SO4 P . 11.62 13.57 -2.61
O3 SO4 P . 12.37 12.34 -0.71
O4 SO4 P . 12.61 11.41 -2.92
S SO4 Q . 12.30 -23.44 2.26
O1 SO4 Q . 11.19 -24.00 1.48
O2 SO4 Q . 11.89 -22.15 2.83
O3 SO4 Q . 12.66 -24.34 3.34
O4 SO4 Q . 13.45 -23.24 1.38
S SO4 R . 12.70 -16.90 -15.85
O1 SO4 R . 13.42 -18.16 -15.79
O2 SO4 R . 12.47 -16.41 -14.49
O3 SO4 R . 13.47 -15.92 -16.60
O4 SO4 R . 11.41 -17.11 -16.50
S SO4 S . 4.70 11.18 8.73
O1 SO4 S . 4.24 9.80 8.53
O2 SO4 S . 4.85 11.87 7.45
O3 SO4 S . 3.71 11.90 9.54
O4 SO4 S . 5.99 11.14 9.45
S SO4 T . 5.57 5.10 -13.96
O1 SO4 T . 4.87 5.68 -15.09
O2 SO4 T . 6.62 6.01 -13.52
O3 SO4 T . 4.64 4.90 -12.85
O4 SO4 T . 6.12 3.81 -14.37
C1 GOL U . 18.77 -20.04 -11.12
O1 GOL U . 19.64 -20.80 -10.32
C2 GOL U . 19.34 -19.94 -12.53
O2 GOL U . 20.38 -18.99 -12.59
C3 GOL U . 18.22 -19.58 -13.51
O3 GOL U . 18.76 -19.36 -14.80
C1 GOL V . 14.00 -13.22 -13.76
O1 GOL V . 15.09 -12.34 -13.91
C2 GOL V . 12.84 -12.96 -14.71
O2 GOL V . 13.27 -12.40 -15.95
C3 GOL V . 11.82 -12.05 -14.03
O3 GOL V . 10.53 -12.26 -14.56
#